data_6BHC
#
_entry.id   6BHC
#
_cell.length_a   58.923
_cell.length_b   72.724
_cell.length_c   103.192
_cell.angle_alpha   90.00
_cell.angle_beta   90.00
_cell.angle_gamma   90.00
#
_symmetry.space_group_name_H-M   'P 2 21 21'
#
loop_
_entity.id
_entity.type
_entity.pdbx_description
1 polymer 'Pseudopodium-enriched atypical kinase 1'
2 water water
#
_entity_poly.entity_id   1
_entity_poly.type   'polypeptide(L)'
_entity_poly.pdbx_seq_one_letter_code
;MQRQALYRGLENREEVVGKIRSLHTDALKKLAVKCEDLFMAGQKDQLRFGVDSWSDFRLTSDKPCCEAGDAVYYTASYAK
DPLNNYAVKICKSKAKESQQYYHSLAVRQSLAVHFNIQQDCGHFLAEVPNRLLPWEDPSKKQRSHVVVITREVPCLTVAD
FVRDSLAQHGKSPDLYERQVCLLLLQLCSGLEHLKPYHVTHCDLRLENLLLVHYQPGGTAQGFGPAEPTPTSSYPTRLIV
SNFSQAKQKSHLVDPEILRDQSRLAPEIITATQYKKCDEFQTGILIYEMLHLPNPFDENPELKEREYTRADLPRIPFRSP
YSRGLQQLASCLLNPNPSERILISDAKGILQCLLWGPREDLFQTFTACPSLVQRNTLLQNWLDIKRTLLMIKFAEKSLDR
EGGISLEDWLCAQYLAFATTDSLSCIVKILLEHHHHHH
;
_entity_poly.pdbx_strand_id   A
#
# COMPACT_ATOMS: atom_id res chain seq x y z
N GLU A 15 -23.69 0.67 30.87
CA GLU A 15 -23.25 1.68 31.83
C GLU A 15 -21.74 1.62 32.03
N VAL A 16 -21.29 0.76 32.94
CA VAL A 16 -19.86 0.58 33.15
C VAL A 16 -19.22 -0.05 31.92
N VAL A 17 -19.99 -0.86 31.17
CA VAL A 17 -19.46 -1.47 29.96
C VAL A 17 -19.04 -0.40 28.96
N GLY A 18 -19.77 0.71 28.90
CA GLY A 18 -19.40 1.78 28.00
C GLY A 18 -18.14 2.50 28.43
N LYS A 19 -17.89 2.57 29.74
CA LYS A 19 -16.67 3.22 30.23
C LYS A 19 -15.43 2.43 29.83
N ILE A 20 -15.45 1.11 30.06
CA ILE A 20 -14.32 0.27 29.69
C ILE A 20 -14.13 0.26 28.18
N ARG A 21 -15.24 0.31 27.45
CA ARG A 21 -15.15 0.37 25.99
C ARG A 21 -14.47 1.66 25.54
N SER A 22 -14.76 2.77 26.22
CA SER A 22 -14.12 4.04 25.86
C SER A 22 -12.64 4.05 26.27
N LEU A 23 -12.30 3.40 27.38
CA LEU A 23 -10.91 3.37 27.82
C LEU A 23 -10.04 2.60 26.82
N HIS A 24 -10.50 1.41 26.40
CA HIS A 24 -9.73 0.63 25.44
C HIS A 24 -9.61 1.36 24.11
N THR A 25 -10.69 2.00 23.66
CA THR A 25 -10.66 2.68 22.38
C THR A 25 -9.69 3.86 22.40
N ASP A 26 -9.76 4.69 23.45
CA ASP A 26 -8.84 5.81 23.56
C ASP A 26 -7.39 5.35 23.75
N ALA A 27 -7.20 4.23 24.45
CA ALA A 27 -5.84 3.73 24.65
C ALA A 27 -5.25 3.20 23.35
N LEU A 28 -6.03 2.44 22.58
CA LEU A 28 -5.52 1.91 21.32
C LEU A 28 -5.21 3.00 20.32
N LYS A 29 -5.97 4.10 20.33
CA LYS A 29 -5.64 5.24 19.49
C LYS A 29 -4.32 5.87 19.92
N LYS A 30 -4.07 5.95 21.22
CA LYS A 30 -2.80 6.49 21.70
C LYS A 30 -1.64 5.55 21.37
N LEU A 31 -1.88 4.24 21.47
CA LEU A 31 -0.84 3.28 21.10
C LEU A 31 -0.54 3.34 19.61
N ALA A 32 -1.57 3.53 18.78
CA ALA A 32 -1.35 3.62 17.35
C ALA A 32 -0.57 4.87 16.99
N VAL A 33 -0.88 6.00 17.64
CA VAL A 33 -0.15 7.24 17.38
C VAL A 33 1.29 7.12 17.87
N LYS A 34 1.50 6.47 19.01
CA LYS A 34 2.86 6.28 19.51
C LYS A 34 3.66 5.38 18.59
N CYS A 35 3.04 4.32 18.06
CA CYS A 35 3.71 3.49 17.06
C CYS A 35 4.05 4.30 15.82
N GLU A 36 3.11 5.14 15.35
CA GLU A 36 3.35 5.95 14.17
C GLU A 36 4.57 6.85 14.35
N ASP A 37 4.69 7.49 15.51
CA ASP A 37 5.84 8.36 15.74
C ASP A 37 7.13 7.58 15.87
N LEU A 38 7.07 6.33 16.31
CA LEU A 38 8.29 5.52 16.40
C LEU A 38 8.72 5.02 15.03
N PHE A 39 7.77 4.68 14.16
CA PHE A 39 8.12 4.21 12.82
C PHE A 39 8.48 5.36 11.88
N MET A 40 8.13 6.60 12.21
CA MET A 40 8.38 7.75 11.35
C MET A 40 9.53 8.61 11.86
N ALA A 41 10.21 8.21 12.93
CA ALA A 41 11.28 9.03 13.49
C ALA A 41 12.49 9.05 12.56
N GLY A 42 13.21 10.16 12.58
CA GLY A 42 14.39 10.35 11.77
C GLY A 42 14.46 11.76 11.21
N GLN A 43 15.67 12.18 10.88
CA GLN A 43 15.86 13.50 10.29
C GLN A 43 15.27 13.55 8.89
N LYS A 44 14.56 14.64 8.59
CA LYS A 44 13.92 14.81 7.29
C LYS A 44 14.22 16.17 6.66
N ASP A 45 15.18 16.92 7.20
CA ASP A 45 15.57 18.17 6.58
C ASP A 45 16.29 17.91 5.27
N GLN A 46 15.93 18.66 4.24
CA GLN A 46 16.55 18.49 2.93
C GLN A 46 18.00 18.97 2.95
N LEU A 47 18.83 18.29 2.17
CA LEU A 47 20.24 18.64 2.08
C LEU A 47 20.42 19.80 1.09
N ARG A 48 21.60 20.42 1.15
CA ARG A 48 21.99 21.48 0.25
C ARG A 48 23.07 20.96 -0.69
N PHE A 49 22.92 21.26 -1.97
CA PHE A 49 23.83 20.78 -3.00
C PHE A 49 24.41 21.94 -3.79
N GLY A 50 25.63 21.76 -4.28
CA GLY A 50 26.31 22.81 -5.01
C GLY A 50 27.40 22.33 -5.95
N VAL A 51 28.64 22.67 -5.65
CA VAL A 51 29.78 22.36 -6.51
C VAL A 51 30.05 20.86 -6.51
N ASP A 52 29.62 20.18 -7.56
CA ASP A 52 29.85 18.75 -7.75
C ASP A 52 29.37 17.94 -6.54
N SER A 53 28.05 18.00 -6.31
CA SER A 53 27.45 17.16 -5.28
C SER A 53 27.33 15.71 -5.71
N TRP A 54 27.44 15.44 -7.01
CA TRP A 54 27.45 14.06 -7.49
C TRP A 54 28.68 13.31 -6.98
N SER A 55 29.78 14.02 -6.76
CA SER A 55 30.99 13.41 -6.24
C SER A 55 30.92 13.15 -4.74
N ASP A 56 29.98 13.77 -4.04
CA ASP A 56 29.82 13.57 -2.61
C ASP A 56 29.07 12.29 -2.26
N PHE A 57 28.55 11.57 -3.25
CA PHE A 57 27.81 10.33 -3.03
C PHE A 57 28.65 9.18 -3.58
N ARG A 58 29.34 8.49 -2.68
CA ARG A 58 30.15 7.34 -3.04
C ARG A 58 29.26 6.10 -3.09
N LEU A 59 29.05 5.58 -4.29
CA LEU A 59 28.21 4.39 -4.45
C LEU A 59 28.88 3.19 -3.80
N THR A 60 28.16 2.52 -2.91
CA THR A 60 28.69 1.36 -2.19
C THR A 60 28.71 0.10 -3.05
N SER A 61 28.14 0.14 -4.25
CA SER A 61 28.11 -1.01 -5.13
C SER A 61 27.85 -0.53 -6.55
N ASP A 62 28.28 -1.34 -7.52
CA ASP A 62 28.03 -1.02 -8.92
C ASP A 62 26.75 -1.67 -9.45
N LYS A 63 26.24 -2.71 -8.78
CA LYS A 63 24.94 -3.14 -9.26
C LYS A 63 23.84 -2.34 -8.57
N PRO A 64 22.73 -2.07 -9.28
CA PRO A 64 21.63 -1.35 -8.65
C PRO A 64 21.02 -2.15 -7.51
N CYS A 65 20.56 -1.43 -6.49
CA CYS A 65 19.83 -2.07 -5.40
C CYS A 65 18.34 -2.19 -5.68
N CYS A 66 17.83 -1.44 -6.65
CA CYS A 66 16.43 -1.52 -7.04
C CYS A 66 16.25 -0.85 -8.39
N GLU A 67 15.37 -1.40 -9.21
CA GLU A 67 15.07 -0.87 -10.54
C GLU A 67 13.56 -0.64 -10.62
N ALA A 68 13.13 0.61 -10.43
CA ALA A 68 11.72 0.94 -10.42
C ALA A 68 11.27 1.38 -11.82
N GLY A 69 9.99 1.70 -11.94
CA GLY A 69 9.43 2.12 -13.22
C GLY A 69 9.85 3.49 -13.67
N ASP A 70 10.42 4.31 -12.79
CA ASP A 70 10.81 5.66 -13.14
C ASP A 70 12.29 5.97 -12.96
N ALA A 71 13.05 5.08 -12.33
CA ALA A 71 14.43 5.40 -11.99
C ALA A 71 15.18 4.13 -11.62
N VAL A 72 16.48 4.28 -11.43
CA VAL A 72 17.35 3.24 -10.90
C VAL A 72 17.91 3.74 -9.57
N TYR A 73 18.13 2.81 -8.64
CA TYR A 73 18.53 3.14 -7.28
C TYR A 73 19.91 2.55 -6.98
N TYR A 74 20.72 3.32 -6.26
CA TYR A 74 22.03 2.87 -5.81
C TYR A 74 22.23 3.31 -4.37
N THR A 75 22.64 2.38 -3.52
CA THR A 75 23.04 2.73 -2.16
C THR A 75 24.33 3.55 -2.20
N ALA A 76 24.38 4.59 -1.38
CA ALA A 76 25.51 5.52 -1.43
C ALA A 76 25.86 5.97 -0.02
N SER A 77 27.12 6.39 0.13
CA SER A 77 27.62 6.99 1.35
C SER A 77 27.82 8.48 1.11
N TYR A 78 26.98 9.30 1.73
CA TYR A 78 27.08 10.74 1.59
C TYR A 78 28.36 11.24 2.23
N ALA A 79 29.12 12.07 1.50
CA ALA A 79 30.45 12.48 1.98
C ALA A 79 30.36 13.28 3.26
N LYS A 80 29.28 14.03 3.47
CA LYS A 80 29.13 14.84 4.66
C LYS A 80 28.44 14.10 5.80
N ASP A 81 28.06 12.84 5.60
CA ASP A 81 27.45 11.99 6.60
C ASP A 81 27.65 10.53 6.18
N PRO A 82 28.85 9.98 6.32
CA PRO A 82 29.20 8.74 5.61
C PRO A 82 28.66 7.46 6.22
N LEU A 83 27.99 7.51 7.36
CA LEU A 83 27.57 6.29 8.04
C LEU A 83 26.06 6.08 8.04
N ASN A 84 25.28 7.01 7.50
CA ASN A 84 23.83 6.87 7.46
C ASN A 84 23.38 6.37 6.08
N ASN A 85 22.17 5.81 6.06
CA ASN A 85 21.63 5.20 4.86
C ASN A 85 21.16 6.27 3.88
N TYR A 86 21.66 6.19 2.64
CA TYR A 86 21.20 7.06 1.57
C TYR A 86 21.11 6.25 0.29
N ALA A 87 20.12 6.58 -0.53
CA ALA A 87 19.93 5.95 -1.83
C ALA A 87 19.92 7.04 -2.90
N VAL A 88 20.63 6.80 -4.00
CA VAL A 88 20.70 7.71 -5.12
C VAL A 88 19.68 7.26 -6.16
N LYS A 89 18.72 8.12 -6.45
CA LYS A 89 17.65 7.83 -7.41
C LYS A 89 17.94 8.58 -8.70
N ILE A 90 18.27 7.85 -9.76
CA ILE A 90 18.61 8.42 -11.05
C ILE A 90 17.40 8.24 -11.97
N CYS A 91 16.68 9.32 -12.23
CA CYS A 91 15.42 9.25 -12.95
C CYS A 91 15.64 9.05 -14.44
N LYS A 92 14.60 8.53 -15.11
CA LYS A 92 14.74 8.19 -16.52
C LYS A 92 14.51 9.39 -17.43
N SER A 93 13.76 10.39 -16.98
CA SER A 93 13.47 11.57 -17.79
C SER A 93 13.35 12.82 -16.94
N HIS A 103 7.84 16.92 -12.66
CA HIS A 103 6.44 16.94 -12.26
C HIS A 103 6.19 15.99 -11.10
N SER A 104 6.93 14.87 -11.08
CA SER A 104 6.79 13.93 -9.98
C SER A 104 7.24 14.55 -8.66
N LEU A 105 8.30 15.35 -8.69
CA LEU A 105 8.76 16.03 -7.48
C LEU A 105 7.79 17.13 -7.06
N ALA A 106 7.20 17.84 -8.02
CA ALA A 106 6.33 18.95 -7.69
C ALA A 106 5.08 18.47 -6.96
N VAL A 107 4.46 17.39 -7.44
CA VAL A 107 3.23 16.89 -6.82
C VAL A 107 3.54 16.24 -5.47
N ARG A 108 4.62 15.47 -5.40
CA ARG A 108 4.94 14.73 -4.19
C ARG A 108 5.49 15.63 -3.08
N GLN A 109 6.18 16.72 -3.45
CA GLN A 109 6.72 17.63 -2.45
C GLN A 109 5.63 18.40 -1.72
N SER A 110 4.46 18.57 -2.35
CA SER A 110 3.35 19.29 -1.73
C SER A 110 2.58 18.44 -0.73
N LEU A 111 2.96 17.18 -0.53
CA LEU A 111 2.26 16.28 0.36
C LEU A 111 2.99 16.16 1.70
N ALA A 112 2.24 16.16 2.78
CA ALA A 112 2.82 15.88 4.09
C ALA A 112 3.37 14.45 4.10
N VAL A 113 4.38 14.24 4.95
CA VAL A 113 5.06 12.95 4.96
C VAL A 113 4.10 11.84 5.35
N HIS A 114 4.30 10.66 4.78
CA HIS A 114 3.47 9.51 5.07
C HIS A 114 4.34 8.26 5.01
N PHE A 115 3.99 7.28 5.85
CA PHE A 115 4.80 6.06 5.97
C PHE A 115 4.90 5.30 4.65
N ASN A 116 3.88 5.39 3.80
CA ASN A 116 3.82 4.59 2.58
C ASN A 116 3.95 5.44 1.32
N ILE A 117 4.44 6.67 1.45
CA ILE A 117 4.66 7.54 0.30
C ILE A 117 6.12 7.98 0.32
N GLN A 118 6.75 7.98 -0.86
CA GLN A 118 8.19 8.21 -0.93
C GLN A 118 8.55 9.61 -0.49
N GLN A 119 9.57 9.71 0.34
CA GLN A 119 10.15 10.98 0.77
C GLN A 119 11.52 11.17 0.12
N ASP A 120 11.92 12.43 0.00
CA ASP A 120 13.23 12.76 -0.52
C ASP A 120 13.84 13.88 0.31
N CYS A 121 15.17 13.92 0.32
CA CYS A 121 15.91 14.94 1.06
C CYS A 121 16.74 15.82 0.12
N GLY A 122 16.30 15.97 -1.13
CA GLY A 122 16.99 16.81 -2.07
C GLY A 122 17.08 16.23 -3.47
N HIS A 123 17.47 17.05 -4.43
CA HIS A 123 17.61 16.63 -5.82
C HIS A 123 18.48 17.63 -6.55
N PHE A 124 19.09 17.17 -7.65
CA PHE A 124 20.00 18.01 -8.43
C PHE A 124 20.23 17.34 -9.78
N LEU A 125 20.79 18.11 -10.70
CA LEU A 125 21.23 17.60 -11.99
C LEU A 125 22.67 17.13 -11.90
N ALA A 126 23.00 16.11 -12.68
CA ALA A 126 24.35 15.56 -12.66
C ALA A 126 24.60 14.75 -13.92
N GLU A 127 25.86 14.77 -14.36
CA GLU A 127 26.30 13.93 -15.48
C GLU A 127 26.58 12.53 -14.94
N VAL A 128 25.78 11.56 -15.37
CA VAL A 128 25.88 10.19 -14.86
C VAL A 128 26.48 9.31 -15.94
N PRO A 129 27.43 8.43 -15.60
CA PRO A 129 27.97 7.50 -16.61
C PRO A 129 26.88 6.57 -17.14
N ASN A 130 26.96 6.27 -18.44
CA ASN A 130 25.97 5.42 -19.07
C ASN A 130 26.02 3.98 -18.53
N ARG A 131 27.16 3.54 -18.01
CA ARG A 131 27.27 2.19 -17.49
C ARG A 131 26.35 1.94 -16.30
N LEU A 132 25.95 3.00 -15.60
CA LEU A 132 25.03 2.85 -14.48
C LEU A 132 23.58 2.72 -14.94
N LEU A 133 23.25 3.30 -16.10
CA LEU A 133 21.87 3.30 -16.59
C LEU A 133 21.65 2.09 -17.48
N PRO A 134 20.69 1.22 -17.18
CA PRO A 134 20.45 0.06 -18.05
C PRO A 134 19.89 0.44 -19.41
N TRP A 135 19.17 1.57 -19.51
CA TRP A 135 18.55 1.97 -20.76
C TRP A 135 19.46 2.80 -21.65
N GLU A 136 20.76 2.82 -21.37
CA GLU A 136 21.71 3.58 -22.18
C GLU A 136 22.85 2.68 -22.66
N ASP A 137 23.88 3.29 -23.25
CA ASP A 137 25.08 2.57 -23.69
C ASP A 137 24.75 1.43 -24.64
N LYS A 141 27.88 8.17 -24.72
CA LYS A 141 28.03 9.60 -24.50
C LYS A 141 27.38 10.00 -23.18
N GLN A 142 28.12 10.74 -22.36
CA GLN A 142 27.64 11.11 -21.04
C GLN A 142 26.55 12.17 -21.15
N ARG A 143 25.49 12.00 -20.35
CA ARG A 143 24.34 12.89 -20.38
C ARG A 143 23.96 13.31 -18.97
N SER A 144 23.17 14.39 -18.89
CA SER A 144 22.73 14.92 -17.62
C SER A 144 21.38 14.35 -17.25
N HIS A 145 21.24 13.95 -15.98
CA HIS A 145 20.01 13.34 -15.47
C HIS A 145 19.64 13.98 -14.15
N VAL A 146 18.36 13.86 -13.81
CA VAL A 146 17.85 14.32 -12.51
C VAL A 146 18.18 13.26 -11.47
N VAL A 147 18.91 13.65 -10.44
CA VAL A 147 19.32 12.75 -9.36
C VAL A 147 18.57 13.15 -8.11
N VAL A 148 17.88 12.19 -7.49
CA VAL A 148 17.11 12.40 -6.27
C VAL A 148 17.73 11.57 -5.16
N ILE A 149 17.79 12.13 -3.96
CA ILE A 149 18.34 11.47 -2.79
C ILE A 149 17.21 11.15 -1.83
N THR A 150 17.20 9.93 -1.31
CA THR A 150 16.20 9.50 -0.34
C THR A 150 16.86 8.72 0.78
N ARG A 151 16.26 8.80 1.97
CA ARG A 151 16.80 8.11 3.13
C ARG A 151 16.22 6.71 3.32
N GLU A 152 15.10 6.39 2.68
CA GLU A 152 14.51 5.06 2.73
C GLU A 152 15.02 4.28 1.52
N VAL A 153 15.98 3.38 1.77
CA VAL A 153 16.65 2.65 0.70
C VAL A 153 15.77 1.51 0.20
N PRO A 154 15.39 1.50 -1.08
CA PRO A 154 14.61 0.38 -1.60
C PRO A 154 15.50 -0.81 -1.92
N CYS A 155 15.03 -2.00 -1.55
CA CYS A 155 15.73 -3.24 -1.84
C CYS A 155 15.18 -3.96 -3.05
N LEU A 156 13.92 -3.73 -3.40
CA LEU A 156 13.26 -4.34 -4.54
C LEU A 156 11.89 -3.68 -4.69
N THR A 157 11.22 -4.00 -5.79
CA THR A 157 9.84 -3.57 -6.01
C THR A 157 8.89 -4.72 -5.73
N VAL A 158 7.59 -4.38 -5.68
CA VAL A 158 6.59 -5.43 -5.55
C VAL A 158 6.59 -6.32 -6.78
N ALA A 159 6.83 -5.74 -7.96
CA ALA A 159 6.95 -6.55 -9.17
C ALA A 159 8.05 -7.59 -9.04
N ASP A 160 9.20 -7.20 -8.46
CA ASP A 160 10.27 -8.16 -8.23
C ASP A 160 9.86 -9.21 -7.21
N PHE A 161 9.16 -8.79 -6.16
CA PHE A 161 8.70 -9.73 -5.14
C PHE A 161 7.70 -10.72 -5.72
N VAL A 162 6.74 -10.23 -6.51
CA VAL A 162 5.76 -11.12 -7.12
C VAL A 162 6.43 -12.08 -8.10
N ARG A 163 7.41 -11.59 -8.86
CA ARG A 163 8.09 -12.43 -9.84
C ARG A 163 8.85 -13.57 -9.17
N ASP A 164 9.44 -13.31 -8.00
CA ASP A 164 10.26 -14.30 -7.31
C ASP A 164 9.47 -15.17 -6.35
N SER A 165 8.16 -15.00 -6.25
CA SER A 165 7.35 -15.72 -5.27
C SER A 165 6.33 -16.65 -5.92
N LEU A 166 6.57 -17.08 -7.15
CA LEU A 166 5.62 -17.98 -7.80
C LEU A 166 5.61 -19.35 -7.14
N ALA A 167 6.79 -19.89 -6.81
CA ALA A 167 6.84 -21.20 -6.17
C ALA A 167 6.31 -21.16 -4.74
N GLN A 168 6.57 -20.07 -4.02
CA GLN A 168 6.07 -19.97 -2.66
C GLN A 168 4.55 -19.81 -2.62
N HIS A 169 3.98 -19.18 -3.65
CA HIS A 169 2.52 -19.08 -3.72
C HIS A 169 1.90 -20.46 -3.90
N GLY A 170 2.54 -21.32 -4.69
CA GLY A 170 2.04 -22.67 -4.87
C GLY A 170 2.25 -23.54 -3.65
N LYS A 171 3.40 -23.39 -2.97
CA LYS A 171 3.70 -24.22 -1.82
C LYS A 171 3.00 -23.73 -0.56
N SER A 172 3.01 -22.42 -0.31
CA SER A 172 2.43 -21.82 0.90
C SER A 172 1.45 -20.73 0.49
N PRO A 173 0.25 -21.09 0.06
CA PRO A 173 -0.71 -20.06 -0.35
C PRO A 173 -1.21 -19.21 0.79
N ASP A 174 -1.32 -19.76 2.01
CA ASP A 174 -1.81 -18.98 3.13
C ASP A 174 -0.83 -17.87 3.50
N LEU A 175 0.46 -18.19 3.54
CA LEU A 175 1.47 -17.20 3.93
C LEU A 175 1.63 -16.13 2.86
N TYR A 176 1.67 -16.53 1.59
CA TYR A 176 1.91 -15.55 0.53
C TYR A 176 0.71 -14.62 0.37
N GLU A 177 -0.50 -15.17 0.34
CA GLU A 177 -1.68 -14.33 0.13
C GLU A 177 -1.99 -13.45 1.33
N ARG A 178 -1.48 -13.79 2.51
CA ARG A 178 -1.58 -12.87 3.64
C ARG A 178 -0.62 -11.69 3.47
N GLN A 179 0.60 -11.95 2.99
CA GLN A 179 1.51 -10.86 2.69
C GLN A 179 0.94 -9.94 1.63
N VAL A 180 0.19 -10.49 0.67
CA VAL A 180 -0.46 -9.66 -0.35
C VAL A 180 -1.45 -8.71 0.31
N CYS A 181 -2.26 -9.21 1.24
CA CYS A 181 -3.20 -8.34 1.95
C CYS A 181 -2.48 -7.26 2.74
N LEU A 182 -1.33 -7.59 3.33
CA LEU A 182 -0.59 -6.60 4.12
C LEU A 182 0.00 -5.52 3.23
N LEU A 183 0.50 -5.89 2.04
CA LEU A 183 1.00 -4.89 1.11
C LEU A 183 -0.14 -4.04 0.55
N LEU A 184 -1.27 -4.68 0.22
CA LEU A 184 -2.41 -3.92 -0.29
C LEU A 184 -2.97 -2.98 0.78
N LEU A 185 -2.90 -3.37 2.04
CA LEU A 185 -3.36 -2.50 3.12
C LEU A 185 -2.50 -1.24 3.21
N GLN A 186 -1.19 -1.39 3.07
CA GLN A 186 -0.31 -0.22 3.08
C GLN A 186 -0.55 0.67 1.87
N LEU A 187 -0.84 0.05 0.71
CA LEU A 187 -1.14 0.83 -0.49
C LEU A 187 -2.40 1.67 -0.29
N CYS A 188 -3.44 1.07 0.28
CA CYS A 188 -4.67 1.82 0.53
C CYS A 188 -4.43 2.97 1.49
N SER A 189 -3.55 2.76 2.48
CA SER A 189 -3.23 3.84 3.42
CA SER A 189 -3.23 3.84 3.42
C SER A 189 -2.59 5.02 2.70
N GLY A 190 -1.63 4.75 1.81
CA GLY A 190 -1.00 5.83 1.07
C GLY A 190 -1.95 6.50 0.09
N LEU A 191 -2.82 5.70 -0.55
CA LEU A 191 -3.81 6.29 -1.45
C LEU A 191 -4.85 7.09 -0.68
N GLU A 192 -5.20 6.65 0.51
CA GLU A 192 -6.10 7.43 1.36
C GLU A 192 -5.49 8.76 1.75
N HIS A 193 -4.16 8.82 1.83
CA HIS A 193 -3.46 10.07 2.12
C HIS A 193 -3.58 11.07 0.99
N LEU A 194 -3.80 10.61 -0.25
CA LEU A 194 -3.89 11.51 -1.38
C LEU A 194 -5.26 12.18 -1.51
N LYS A 195 -6.29 11.60 -0.90
CA LYS A 195 -7.65 12.09 -1.12
C LYS A 195 -7.87 13.52 -0.65
N PRO A 196 -7.44 13.92 0.55
CA PRO A 196 -7.65 15.33 0.95
C PRO A 196 -6.91 16.33 0.09
N TYR A 197 -5.89 15.90 -0.65
CA TYR A 197 -5.21 16.76 -1.61
C TYR A 197 -5.86 16.73 -2.98
N HIS A 198 -6.84 15.83 -3.19
CA HIS A 198 -7.46 15.62 -4.51
C HIS A 198 -6.41 15.25 -5.55
N VAL A 199 -5.54 14.31 -5.18
CA VAL A 199 -4.47 13.84 -6.04
C VAL A 199 -4.74 12.39 -6.40
N THR A 200 -4.64 12.07 -7.69
CA THR A 200 -4.74 10.70 -8.18
C THR A 200 -3.40 10.29 -8.76
N HIS A 201 -2.93 9.09 -8.40
CA HIS A 201 -1.61 8.65 -8.85
C HIS A 201 -1.60 8.38 -10.35
N CYS A 202 -2.59 7.64 -10.85
CA CYS A 202 -2.83 7.37 -12.27
C CYS A 202 -1.79 6.47 -12.92
N ASP A 203 -0.85 5.92 -12.15
CA ASP A 203 0.15 5.03 -12.72
C ASP A 203 0.53 3.98 -11.68
N LEU A 204 -0.46 3.35 -11.07
CA LEU A 204 -0.22 2.34 -10.05
C LEU A 204 0.18 1.04 -10.72
N ARG A 205 1.47 0.78 -10.78
CA ARG A 205 2.01 -0.47 -11.32
C ARG A 205 2.97 -1.07 -10.31
N LEU A 206 3.13 -2.40 -10.38
CA LEU A 206 3.89 -3.10 -9.35
C LEU A 206 5.35 -2.65 -9.32
N GLU A 207 5.90 -2.21 -10.46
CA GLU A 207 7.26 -1.70 -10.49
C GLU A 207 7.38 -0.28 -9.93
N ASN A 208 6.26 0.37 -9.62
CA ASN A 208 6.27 1.68 -8.96
C ASN A 208 6.09 1.59 -7.46
N LEU A 209 5.88 0.39 -6.92
CA LEU A 209 5.75 0.18 -5.49
C LEU A 209 7.05 -0.43 -4.96
N LEU A 210 7.69 0.27 -4.03
CA LEU A 210 8.98 -0.13 -3.50
C LEU A 210 8.83 -0.80 -2.15
N LEU A 211 9.75 -1.73 -1.85
CA LEU A 211 9.77 -2.43 -0.58
C LEU A 211 11.06 -2.09 0.15
N VAL A 212 10.94 -1.54 1.35
CA VAL A 212 12.08 -1.13 2.17
C VAL A 212 11.95 -1.75 3.55
N HIS A 213 13.00 -1.63 4.34
CA HIS A 213 13.02 -2.14 5.70
C HIS A 213 12.50 -1.08 6.68
N TYR A 214 12.31 -1.51 7.93
CA TYR A 214 11.90 -0.61 8.98
C TYR A 214 12.55 -1.05 10.29
N GLN A 215 12.99 -0.08 11.08
CA GLN A 215 13.63 -0.37 12.36
C GLN A 215 12.57 -0.55 13.45
N PRO A 235 12.20 -6.73 3.98
CA PRO A 235 11.60 -5.57 3.31
C PRO A 235 10.08 -5.69 3.19
N THR A 236 9.36 -5.23 4.20
CA THR A 236 7.91 -5.33 4.23
C THR A 236 7.20 -3.98 4.27
N ARG A 237 7.94 -2.87 4.29
CA ARG A 237 7.34 -1.55 4.25
C ARG A 237 7.15 -1.13 2.79
N LEU A 238 5.90 -0.94 2.39
CA LEU A 238 5.59 -0.55 1.02
C LEU A 238 5.64 0.96 0.89
N ILE A 239 6.17 1.43 -0.23
CA ILE A 239 6.33 2.86 -0.50
C ILE A 239 5.86 3.15 -1.91
N VAL A 240 4.87 4.02 -2.04
CA VAL A 240 4.35 4.42 -3.35
C VAL A 240 5.26 5.48 -3.94
N SER A 241 5.66 5.28 -5.19
CA SER A 241 6.58 6.20 -5.85
C SER A 241 6.10 6.46 -7.27
N ASN A 242 6.89 7.24 -8.00
CA ASN A 242 6.64 7.59 -9.39
C ASN A 242 5.32 8.33 -9.55
N PHE A 243 5.34 9.64 -9.29
CA PHE A 243 4.18 10.51 -9.46
C PHE A 243 4.25 11.30 -10.76
N SER A 244 4.81 10.70 -11.82
CA SER A 244 4.96 11.42 -13.09
C SER A 244 3.61 11.62 -13.78
N GLN A 245 2.65 10.73 -13.55
CA GLN A 245 1.33 10.81 -14.16
C GLN A 245 0.28 11.36 -13.21
N ALA A 246 0.69 11.87 -12.05
CA ALA A 246 -0.26 12.27 -11.03
C ALA A 246 -1.06 13.50 -11.46
N LYS A 247 -2.36 13.48 -11.16
CA LYS A 247 -3.25 14.59 -11.44
C LYS A 247 -3.52 15.37 -10.17
N GLN A 248 -3.57 16.69 -10.29
CA GLN A 248 -3.81 17.60 -9.17
C GLN A 248 -5.03 18.45 -9.49
N LYS A 249 -6.14 18.18 -8.81
CA LYS A 249 -7.36 18.96 -9.04
C LYS A 249 -7.47 20.09 -8.02
N ARG A 259 -2.51 -2.02 -24.19
CA ARG A 259 -1.21 -1.40 -24.00
C ARG A 259 -1.23 -0.52 -22.75
N ASP A 260 -1.35 0.79 -22.94
CA ASP A 260 -1.46 1.73 -21.84
C ASP A 260 -2.90 1.90 -21.36
N GLN A 261 -3.87 1.71 -22.25
CA GLN A 261 -5.27 1.84 -21.87
C GLN A 261 -5.79 0.61 -21.12
N SER A 262 -4.99 -0.46 -21.01
CA SER A 262 -5.42 -1.63 -20.27
C SER A 262 -5.54 -1.35 -18.78
N ARG A 263 -4.97 -0.26 -18.30
CA ARG A 263 -5.05 0.13 -16.90
C ARG A 263 -5.86 1.41 -16.70
N LEU A 264 -6.65 1.81 -17.70
CA LEU A 264 -7.50 2.98 -17.61
C LEU A 264 -8.93 2.56 -17.29
N ALA A 265 -9.55 3.28 -16.37
CA ALA A 265 -10.91 2.96 -15.96
C ALA A 265 -11.87 3.13 -17.14
N PRO A 266 -12.99 2.40 -17.16
CA PRO A 266 -13.89 2.48 -18.30
C PRO A 266 -14.45 3.86 -18.57
N GLU A 267 -14.64 4.69 -17.54
CA GLU A 267 -15.19 6.02 -17.76
C GLU A 267 -14.22 6.90 -18.54
N ILE A 268 -12.93 6.64 -18.43
CA ILE A 268 -11.94 7.41 -19.19
C ILE A 268 -12.06 7.13 -20.67
N ILE A 269 -12.45 5.92 -21.05
CA ILE A 269 -12.48 5.54 -22.45
C ILE A 269 -13.80 5.93 -23.12
N THR A 270 -14.91 5.90 -22.39
CA THR A 270 -16.24 6.07 -22.97
C THR A 270 -16.42 7.42 -23.66
N ALA A 271 -16.50 8.49 -22.87
CA ALA A 271 -16.79 9.82 -23.41
C ALA A 271 -15.73 10.28 -24.39
N LYS A 275 -13.46 10.59 -10.02
CA LYS A 275 -12.14 10.46 -9.42
C LYS A 275 -11.98 9.09 -8.75
N LYS A 276 -12.21 8.03 -9.52
CA LYS A 276 -12.07 6.66 -9.05
C LYS A 276 -10.99 5.91 -9.82
N CYS A 277 -10.00 6.64 -10.33
CA CYS A 277 -8.97 6.02 -11.17
C CYS A 277 -8.06 5.11 -10.35
N ASP A 278 -7.61 5.58 -9.19
CA ASP A 278 -6.68 4.78 -8.39
C ASP A 278 -7.35 3.52 -7.84
N GLU A 279 -8.64 3.60 -7.51
CA GLU A 279 -9.36 2.41 -7.05
C GLU A 279 -9.42 1.36 -8.15
N PHE A 280 -9.67 1.77 -9.39
CA PHE A 280 -9.76 0.82 -10.49
C PHE A 280 -8.41 0.15 -10.75
N GLN A 281 -7.32 0.92 -10.68
CA GLN A 281 -6.00 0.34 -10.91
C GLN A 281 -5.58 -0.58 -9.78
N THR A 282 -6.06 -0.34 -8.56
CA THR A 282 -5.79 -1.24 -7.45
C THR A 282 -6.44 -2.60 -7.67
N GLY A 283 -7.61 -2.63 -8.31
CA GLY A 283 -8.24 -3.91 -8.62
C GLY A 283 -7.43 -4.75 -9.58
N ILE A 284 -6.77 -4.10 -10.54
CA ILE A 284 -5.88 -4.83 -11.45
C ILE A 284 -4.68 -5.38 -10.70
N LEU A 285 -4.16 -4.61 -9.74
CA LEU A 285 -2.99 -5.06 -8.99
C LEU A 285 -3.28 -6.31 -8.18
N ILE A 286 -4.53 -6.49 -7.72
CA ILE A 286 -4.87 -7.68 -6.96
C ILE A 286 -4.66 -8.93 -7.79
N TYR A 287 -5.10 -8.91 -9.05
CA TYR A 287 -4.86 -10.04 -9.93
C TYR A 287 -3.38 -10.28 -10.17
N GLU A 288 -2.63 -9.21 -10.41
CA GLU A 288 -1.20 -9.35 -10.72
C GLU A 288 -0.41 -9.85 -9.52
N MET A 289 -0.71 -9.34 -8.33
CA MET A 289 -0.03 -9.82 -7.13
C MET A 289 -0.35 -11.28 -6.83
N LEU A 290 -1.49 -11.79 -7.32
CA LEU A 290 -1.82 -13.20 -7.19
C LEU A 290 -1.33 -14.02 -8.39
N HIS A 291 -0.34 -13.51 -9.11
CA HIS A 291 0.27 -14.21 -10.25
C HIS A 291 -0.75 -14.51 -11.35
N LEU A 292 -1.71 -13.62 -11.52
CA LEU A 292 -2.66 -13.68 -12.61
C LEU A 292 -2.44 -12.52 -13.56
N PRO A 293 -2.77 -12.68 -14.84
CA PRO A 293 -2.62 -11.56 -15.78
C PRO A 293 -3.63 -10.46 -15.48
N ASN A 294 -3.35 -9.29 -16.06
CA ASN A 294 -4.29 -8.19 -16.07
C ASN A 294 -5.61 -8.67 -16.66
N PRO A 295 -6.72 -8.57 -15.92
CA PRO A 295 -8.00 -9.11 -16.42
C PRO A 295 -8.40 -8.56 -17.78
N PHE A 296 -8.00 -7.34 -18.11
CA PHE A 296 -8.29 -6.74 -19.39
C PHE A 296 -7.25 -7.06 -20.45
N ASP A 297 -6.26 -7.89 -20.11
CA ASP A 297 -5.40 -8.53 -21.09
C ASP A 297 -5.74 -9.99 -21.33
N GLU A 298 -6.27 -10.68 -20.31
CA GLU A 298 -6.71 -12.06 -20.50
C GLU A 298 -8.03 -12.12 -21.25
N ASN A 299 -8.94 -11.19 -20.96
CA ASN A 299 -10.22 -11.06 -21.64
C ASN A 299 -10.28 -9.66 -22.25
N PRO A 300 -9.60 -9.45 -23.39
CA PRO A 300 -9.48 -8.08 -23.93
C PRO A 300 -10.75 -7.57 -24.61
N GLU A 301 -11.91 -8.00 -24.13
CA GLU A 301 -13.18 -7.51 -24.66
C GLU A 301 -14.10 -6.97 -23.57
N LEU A 302 -13.59 -6.76 -22.36
CA LEU A 302 -14.40 -6.18 -21.29
C LEU A 302 -14.50 -4.66 -21.42
N LYS A 303 -13.47 -4.01 -21.96
CA LYS A 303 -13.52 -2.56 -22.09
C LYS A 303 -14.46 -2.12 -23.21
N GLU A 304 -14.68 -2.97 -24.21
CA GLU A 304 -15.60 -2.68 -25.29
C GLU A 304 -17.04 -3.04 -24.94
N ARG A 305 -17.32 -3.33 -23.67
CA ARG A 305 -18.66 -3.63 -23.20
C ARG A 305 -18.84 -2.96 -21.84
N GLU A 306 -19.93 -3.31 -21.15
CA GLU A 306 -20.16 -2.91 -19.77
C GLU A 306 -20.35 -4.19 -18.97
N TYR A 307 -19.24 -4.81 -18.60
CA TYR A 307 -19.22 -6.16 -18.04
C TYR A 307 -19.89 -6.18 -16.66
N THR A 308 -20.05 -7.40 -16.14
CA THR A 308 -20.62 -7.65 -14.83
C THR A 308 -19.60 -8.41 -13.99
N ARG A 309 -20.07 -8.95 -12.85
CA ARG A 309 -19.17 -9.66 -11.95
C ARG A 309 -18.77 -11.01 -12.54
N ALA A 310 -19.70 -11.68 -13.23
CA ALA A 310 -19.42 -12.99 -13.81
C ALA A 310 -18.50 -12.91 -15.03
N ASP A 311 -18.31 -11.73 -15.60
CA ASP A 311 -17.44 -11.61 -16.77
C ASP A 311 -15.96 -11.56 -16.39
N LEU A 312 -15.64 -11.13 -15.17
CA LEU A 312 -14.24 -11.01 -14.77
C LEU A 312 -13.62 -12.40 -14.58
N PRO A 313 -12.34 -12.54 -14.89
CA PRO A 313 -11.67 -13.84 -14.68
C PRO A 313 -11.67 -14.23 -13.21
N ARG A 314 -11.82 -15.52 -12.95
CA ARG A 314 -11.96 -16.03 -11.59
C ARG A 314 -10.59 -16.15 -10.93
N ILE A 315 -10.48 -15.63 -9.71
CA ILE A 315 -9.27 -15.82 -8.92
C ILE A 315 -9.30 -17.21 -8.30
N PRO A 316 -8.21 -17.99 -8.43
CA PRO A 316 -8.21 -19.35 -7.87
C PRO A 316 -8.43 -19.34 -6.37
N PHE A 317 -9.19 -20.33 -5.89
CA PHE A 317 -9.56 -20.44 -4.48
C PHE A 317 -8.52 -21.31 -3.77
N ARG A 318 -7.50 -20.67 -3.22
CA ARG A 318 -6.34 -21.37 -2.68
C ARG A 318 -6.02 -21.08 -1.22
N SER A 319 -6.62 -20.05 -0.62
CA SER A 319 -6.30 -19.68 0.75
C SER A 319 -7.54 -19.05 1.37
N PRO A 320 -7.58 -18.90 2.70
CA PRO A 320 -8.70 -18.20 3.34
C PRO A 320 -8.87 -16.76 2.91
N TYR A 321 -7.92 -16.20 2.16
CA TYR A 321 -7.99 -14.82 1.71
C TYR A 321 -8.44 -14.69 0.26
N SER A 322 -8.60 -15.81 -0.45
CA SER A 322 -8.84 -15.76 -1.89
C SER A 322 -10.23 -15.21 -2.20
N ARG A 323 -11.25 -15.64 -1.47
CA ARG A 323 -12.61 -15.18 -1.75
C ARG A 323 -12.76 -13.69 -1.46
N GLY A 324 -12.17 -13.22 -0.36
CA GLY A 324 -12.27 -11.80 -0.03
C GLY A 324 -11.52 -10.94 -1.02
N LEU A 325 -10.34 -11.38 -1.47
CA LEU A 325 -9.61 -10.63 -2.48
C LEU A 325 -10.34 -10.63 -3.82
N GLN A 326 -11.04 -11.72 -4.13
CA GLN A 326 -11.84 -11.75 -5.35
C GLN A 326 -12.99 -10.74 -5.26
N GLN A 327 -13.70 -10.73 -4.14
CA GLN A 327 -14.79 -9.78 -3.96
C GLN A 327 -14.27 -8.35 -3.94
N LEU A 328 -13.11 -8.13 -3.33
CA LEU A 328 -12.53 -6.80 -3.29
C LEU A 328 -12.17 -6.30 -4.69
N ALA A 329 -11.60 -7.18 -5.51
CA ALA A 329 -11.25 -6.79 -6.88
C ALA A 329 -12.49 -6.49 -7.70
N SER A 330 -13.53 -7.32 -7.57
CA SER A 330 -14.76 -7.09 -8.33
C SER A 330 -15.38 -5.74 -7.99
N CYS A 331 -15.30 -5.34 -6.71
CA CYS A 331 -15.84 -4.04 -6.32
C CYS A 331 -14.97 -2.91 -6.85
N LEU A 332 -13.65 -3.08 -6.83
CA LEU A 332 -12.75 -2.07 -7.36
C LEU A 332 -12.80 -1.97 -8.87
N LEU A 333 -13.19 -3.04 -9.56
CA LEU A 333 -13.25 -3.07 -11.01
C LEU A 333 -14.66 -2.84 -11.54
N ASN A 334 -15.55 -2.32 -10.72
CA ASN A 334 -16.90 -2.00 -11.17
C ASN A 334 -16.83 -0.96 -12.28
N PRO A 335 -17.39 -1.23 -13.46
CA PRO A 335 -17.28 -0.25 -14.56
C PRO A 335 -18.02 1.05 -14.29
N ASN A 336 -18.91 1.09 -13.30
CA ASN A 336 -19.62 2.32 -12.97
C ASN A 336 -18.90 3.02 -11.83
N PRO A 337 -18.36 4.23 -12.05
CA PRO A 337 -17.60 4.89 -10.98
C PRO A 337 -18.42 5.18 -9.74
N SER A 338 -19.71 5.50 -9.90
CA SER A 338 -20.55 5.82 -8.74
C SER A 338 -20.78 4.60 -7.86
N GLU A 339 -20.72 3.40 -8.42
CA GLU A 339 -20.85 2.16 -7.66
C GLU A 339 -19.51 1.57 -7.26
N ARG A 340 -18.41 2.01 -7.86
CA ARG A 340 -17.09 1.54 -7.47
C ARG A 340 -16.79 1.98 -6.05
N ILE A 341 -16.33 1.02 -5.22
CA ILE A 341 -16.13 1.32 -3.80
C ILE A 341 -14.97 2.31 -3.64
N LEU A 342 -14.97 2.98 -2.50
CA LEU A 342 -13.92 3.92 -2.14
C LEU A 342 -12.70 3.19 -1.60
N ILE A 343 -11.55 3.86 -1.66
CA ILE A 343 -10.31 3.24 -1.21
C ILE A 343 -10.32 3.05 0.31
N SER A 344 -11.16 3.78 1.03
CA SER A 344 -11.30 3.54 2.47
C SER A 344 -12.16 2.31 2.75
N ASP A 345 -13.09 1.98 1.85
CA ASP A 345 -13.83 0.74 1.98
C ASP A 345 -12.94 -0.46 1.66
N ALA A 346 -12.07 -0.33 0.66
CA ALA A 346 -11.10 -1.38 0.37
C ALA A 346 -10.18 -1.62 1.56
N LYS A 347 -9.81 -0.55 2.25
CA LYS A 347 -8.99 -0.70 3.45
C LYS A 347 -9.73 -1.51 4.51
N GLY A 348 -11.01 -1.23 4.72
CA GLY A 348 -11.77 -1.98 5.70
C GLY A 348 -11.92 -3.44 5.35
N ILE A 349 -12.03 -3.75 4.05
CA ILE A 349 -12.09 -5.14 3.62
C ILE A 349 -10.77 -5.84 3.92
N LEU A 350 -9.65 -5.19 3.57
CA LEU A 350 -8.34 -5.78 3.83
C LEU A 350 -8.10 -5.98 5.32
N GLN A 351 -8.51 -5.00 6.14
CA GLN A 351 -8.41 -5.17 7.58
C GLN A 351 -9.26 -6.34 8.06
N CYS A 352 -10.44 -6.52 7.46
CA CYS A 352 -11.30 -7.63 7.85
C CYS A 352 -10.70 -8.97 7.47
N LEU A 353 -10.06 -9.07 6.30
CA LEU A 353 -9.44 -10.32 5.89
C LEU A 353 -8.25 -10.66 6.76
N LEU A 354 -7.54 -9.65 7.27
CA LEU A 354 -6.34 -9.89 8.06
C LEU A 354 -6.68 -10.21 9.52
N TRP A 355 -7.50 -9.38 10.15
CA TRP A 355 -7.86 -9.57 11.56
C TRP A 355 -9.36 -9.53 11.82
N GLY A 356 -10.15 -8.89 10.96
CA GLY A 356 -11.55 -8.65 11.22
C GLY A 356 -12.36 -9.91 11.36
N PRO A 357 -13.66 -9.76 11.61
CA PRO A 357 -14.50 -10.94 11.87
C PRO A 357 -14.47 -11.92 10.71
N ARG A 358 -14.41 -13.21 11.04
CA ARG A 358 -14.30 -14.26 10.05
C ARG A 358 -15.68 -14.62 9.50
N GLU A 359 -15.68 -15.53 8.51
CA GLU A 359 -16.93 -15.99 7.93
C GLU A 359 -17.78 -16.76 8.93
N ASP A 360 -17.17 -17.26 10.02
CA ASP A 360 -17.96 -17.91 11.06
C ASP A 360 -18.94 -16.95 11.71
N LEU A 361 -18.50 -15.70 11.92
CA LEU A 361 -19.40 -14.68 12.45
C LEU A 361 -20.40 -14.19 11.40
N PHE A 362 -20.08 -14.37 10.11
CA PHE A 362 -20.99 -13.92 9.06
C PHE A 362 -22.31 -14.66 9.11
N GLN A 363 -22.27 -15.96 9.43
CA GLN A 363 -23.49 -16.75 9.51
C GLN A 363 -24.41 -16.22 10.61
N THR A 364 -23.84 -15.91 11.78
CA THR A 364 -24.65 -15.33 12.85
C THR A 364 -25.17 -13.95 12.47
N PHE A 365 -24.39 -13.20 11.68
CA PHE A 365 -24.83 -11.89 11.24
C PHE A 365 -26.09 -11.98 10.39
N THR A 366 -26.08 -12.86 9.39
CA THR A 366 -27.24 -12.99 8.51
C THR A 366 -28.44 -13.59 9.25
N ALA A 367 -28.20 -14.43 10.26
CA ALA A 367 -29.28 -15.06 10.99
C ALA A 367 -29.95 -14.12 11.98
N CYS A 368 -29.29 -13.06 12.39
CA CYS A 368 -29.88 -12.11 13.32
C CYS A 368 -31.00 -11.33 12.65
N PRO A 369 -32.21 -11.33 13.18
CA PRO A 369 -33.33 -10.64 12.51
C PRO A 369 -33.28 -9.12 12.68
N SER A 370 -32.85 -8.66 13.84
CA SER A 370 -32.90 -7.24 14.18
C SER A 370 -31.53 -6.59 14.04
N LEU A 371 -31.55 -5.26 13.87
CA LEU A 371 -30.31 -4.51 13.83
C LEU A 371 -29.65 -4.42 15.20
N VAL A 372 -30.44 -4.51 16.27
CA VAL A 372 -29.90 -4.47 17.63
C VAL A 372 -29.03 -5.70 17.89
N GLN A 373 -29.53 -6.88 17.52
CA GLN A 373 -28.75 -8.10 17.73
C GLN A 373 -27.51 -8.13 16.85
N ARG A 374 -27.58 -7.55 15.64
CA ARG A 374 -26.37 -7.47 14.81
C ARG A 374 -25.37 -6.50 15.41
N ASN A 375 -25.86 -5.40 15.99
CA ASN A 375 -24.96 -4.44 16.62
C ASN A 375 -24.29 -5.04 17.85
N THR A 376 -25.03 -5.86 18.62
CA THR A 376 -24.46 -6.52 19.77
C THR A 376 -23.40 -7.54 19.36
N LEU A 377 -23.66 -8.30 18.29
CA LEU A 377 -22.70 -9.26 17.80
C LEU A 377 -21.40 -8.58 17.40
N LEU A 378 -21.49 -7.49 16.65
CA LEU A 378 -20.28 -6.78 16.21
C LEU A 378 -19.59 -6.09 17.39
N GLN A 379 -20.37 -5.55 18.33
CA GLN A 379 -19.76 -4.86 19.46
C GLN A 379 -19.05 -5.84 20.39
N ASN A 380 -19.64 -7.02 20.60
CA ASN A 380 -18.98 -8.02 21.43
C ASN A 380 -17.68 -8.48 20.80
N TRP A 381 -17.66 -8.65 19.48
CA TRP A 381 -16.42 -9.02 18.78
C TRP A 381 -15.37 -7.94 18.95
N LEU A 382 -15.76 -6.66 18.86
CA LEU A 382 -14.81 -5.56 19.02
C LEU A 382 -14.24 -5.53 20.43
N ASP A 383 -15.10 -5.68 21.43
CA ASP A 383 -14.63 -5.59 22.82
C ASP A 383 -13.64 -6.70 23.15
N ILE A 384 -13.87 -7.91 22.62
CA ILE A 384 -12.97 -9.02 22.88
C ILE A 384 -11.64 -8.81 22.16
N LYS A 385 -11.70 -8.41 20.88
CA LYS A 385 -10.48 -8.22 20.11
C LYS A 385 -9.64 -7.07 20.66
N ARG A 386 -10.29 -5.99 21.11
CA ARG A 386 -9.54 -4.90 21.72
C ARG A 386 -8.87 -5.35 23.01
N THR A 387 -9.55 -6.19 23.79
CA THR A 387 -8.96 -6.71 25.01
C THR A 387 -7.76 -7.60 24.73
N LEU A 388 -7.88 -8.47 23.72
CA LEU A 388 -6.77 -9.36 23.37
C LEU A 388 -5.55 -8.56 22.90
N LEU A 389 -5.78 -7.57 22.04
CA LEU A 389 -4.66 -6.78 21.54
C LEU A 389 -4.02 -5.97 22.65
N MET A 390 -4.83 -5.43 23.57
CA MET A 390 -4.28 -4.69 24.69
C MET A 390 -3.40 -5.58 25.57
N ILE A 391 -3.84 -6.83 25.79
CA ILE A 391 -3.03 -7.78 26.54
C ILE A 391 -1.72 -8.05 25.82
N LYS A 392 -1.76 -8.15 24.50
CA LYS A 392 -0.55 -8.44 23.73
C LYS A 392 0.48 -7.33 23.91
N PHE A 393 0.05 -6.07 23.86
CA PHE A 393 0.99 -4.96 24.06
C PHE A 393 1.54 -4.98 25.47
N ALA A 394 0.69 -5.29 26.46
CA ALA A 394 1.14 -5.30 27.85
C ALA A 394 2.18 -6.39 28.09
N GLU A 395 2.06 -7.53 27.41
CA GLU A 395 3.03 -8.60 27.60
C GLU A 395 4.38 -8.26 26.96
N LYS A 396 4.38 -7.45 25.92
CA LYS A 396 5.64 -7.05 25.30
C LYS A 396 6.42 -6.07 26.18
N SER A 397 5.78 -5.42 27.14
CA SER A 397 6.48 -4.53 28.05
C SER A 397 7.44 -5.26 28.97
N LEU A 398 7.33 -6.59 29.07
CA LEU A 398 8.23 -7.40 29.87
C LEU A 398 9.17 -8.24 29.04
N ASP A 399 9.03 -8.22 27.71
CA ASP A 399 9.94 -8.93 26.82
C ASP A 399 10.69 -7.95 25.93
N GLY A 403 10.31 -6.68 19.74
CA GLY A 403 9.79 -5.32 19.62
C GLY A 403 8.40 -5.27 19.01
N ILE A 404 8.03 -4.10 18.50
CA ILE A 404 6.74 -3.88 17.87
C ILE A 404 6.92 -4.05 16.36
N SER A 405 6.21 -5.01 15.79
CA SER A 405 6.28 -5.26 14.35
C SER A 405 5.33 -4.34 13.61
N LEU A 406 5.49 -4.29 12.29
CA LEU A 406 4.63 -3.47 11.46
C LEU A 406 3.18 -3.95 11.53
N GLU A 407 2.97 -5.27 11.59
CA GLU A 407 1.61 -5.80 11.66
C GLU A 407 0.92 -5.42 12.96
N ASP A 408 1.68 -5.32 14.06
CA ASP A 408 1.08 -4.91 15.33
C ASP A 408 0.54 -3.49 15.25
N TRP A 409 1.31 -2.59 14.63
CA TRP A 409 0.85 -1.21 14.45
C TRP A 409 -0.42 -1.18 13.61
N LEU A 410 -0.41 -1.87 12.46
CA LEU A 410 -1.57 -1.86 11.58
C LEU A 410 -2.79 -2.45 12.27
N CYS A 411 -2.59 -3.50 13.08
CA CYS A 411 -3.71 -4.09 13.80
C CYS A 411 -4.26 -3.12 14.84
N ALA A 412 -3.38 -2.37 15.51
CA ALA A 412 -3.85 -1.35 16.45
C ALA A 412 -4.63 -0.26 15.74
N GLN A 413 -4.18 0.13 14.53
CA GLN A 413 -4.92 1.13 13.76
C GLN A 413 -6.34 0.66 13.46
N TYR A 414 -6.48 -0.62 13.12
CA TYR A 414 -7.78 -1.16 12.76
C TYR A 414 -8.74 -1.13 13.96
N LEU A 415 -8.35 -1.75 15.07
CA LEU A 415 -9.25 -1.88 16.20
C LEU A 415 -9.52 -0.55 16.89
N ALA A 416 -8.58 0.40 16.79
CA ALA A 416 -8.75 1.67 17.49
C ALA A 416 -9.84 2.52 16.84
N PHE A 417 -9.93 2.48 15.51
CA PHE A 417 -10.85 3.34 14.77
C PHE A 417 -12.06 2.62 14.20
N ALA A 418 -12.12 1.30 14.31
CA ALA A 418 -13.28 0.58 13.82
C ALA A 418 -14.47 0.78 14.75
N THR A 419 -15.66 0.80 14.16
CA THR A 419 -16.92 0.90 14.90
C THR A 419 -17.85 -0.20 14.41
N THR A 420 -18.94 -0.38 15.14
CA THR A 420 -19.95 -1.35 14.72
C THR A 420 -20.55 -0.95 13.38
N ASP A 421 -20.68 0.35 13.12
CA ASP A 421 -21.21 0.81 11.84
C ASP A 421 -20.24 0.52 10.69
N SER A 422 -18.95 0.72 10.93
CA SER A 422 -17.97 0.47 9.87
C SER A 422 -17.84 -1.03 9.60
N LEU A 423 -17.93 -1.86 10.65
CA LEU A 423 -17.88 -3.31 10.45
C LEU A 423 -19.12 -3.80 9.71
N SER A 424 -20.29 -3.24 10.05
CA SER A 424 -21.53 -3.67 9.40
C SER A 424 -21.48 -3.39 7.90
N CYS A 425 -20.87 -2.28 7.50
CA CYS A 425 -20.75 -1.97 6.08
C CYS A 425 -19.78 -2.91 5.38
N ILE A 426 -18.65 -3.22 6.02
CA ILE A 426 -17.66 -4.10 5.40
C ILE A 426 -18.20 -5.52 5.29
N VAL A 427 -18.90 -5.99 6.33
CA VAL A 427 -19.46 -7.34 6.31
C VAL A 427 -20.48 -7.48 5.20
N LYS A 428 -21.38 -6.51 5.07
CA LYS A 428 -22.42 -6.59 4.05
C LYS A 428 -21.84 -6.58 2.64
N ILE A 429 -20.67 -5.98 2.45
CA ILE A 429 -20.00 -6.04 1.16
C ILE A 429 -19.44 -7.45 0.91
N LEU A 430 -18.86 -8.05 1.95
CA LEU A 430 -18.25 -9.37 1.81
C LEU A 430 -19.26 -10.52 1.82
N LEU A 431 -20.51 -10.26 2.15
CA LEU A 431 -21.53 -11.31 2.15
C LEU A 431 -21.90 -11.72 0.74
#